data_7Q73
#
_entry.id   7Q73
#
_cell.length_a   122.060
_cell.length_b   66.750
_cell.length_c   88.120
_cell.angle_alpha   90.000
_cell.angle_beta   118.170
_cell.angle_gamma   90.000
#
_symmetry.space_group_name_H-M   'C 1 2 1'
#
loop_
_entity.id
_entity.type
_entity.pdbx_description
1 polymer 'Poly(A) polymerase pla1'
2 non-polymer GLYCEROL
3 water water
#
_entity_poly.entity_id   1
_entity_poly.type   'polypeptide(L)'
_entity_poly.pdbx_seq_one_letter_code
;MKHHHHHHPMTTKQWGITPPISTAPATEQENALNTALINELKNQNLFESPAESEKRVKVLDELQQITTEFVKKVSLAKHM
NEKMANEAGGKIFTYGSYRLGVYGPGSDIDTLVVVPKHVSRDNFFQDLEPMLREREEVTDLAAVPDAYVPIIKFKFLGIS
IDLIFARLSVPRVPRDLELSDNNLLKGVEERCVLSLNGTRVTDQILQLVPNRAVFKHALRAIKFWAQRRAIYANVVGFPG
GVAWAMMVARICQLYPNAVSSVIVAKFFRILHQWNWPQPILLKPIEDGPLQVRIWNPKLYPSDKAHRMPIITPAYPSMCA
THNITLSTQTIILREMVRAGEIADQIMVKALPWSALFQKHDFFHRYKHYLTITAAAKTAEAQLKWAGLVESKLRHLVTRL
ELVDAIALAHPFNKGFDKVYNCSSEEEAQQVASGVTLEVAYESTDHEKLANDTVNEEKADNTESKADGSENGEKQIFPVY
TTTCYIGLELEKKKGHPIKRLDISWPTQEFYELCKKWDKYDDTLMNVFIKNTKNTALPDEVFEPGEERPKATKKRSTADT
AHSTEQLKRQKVSTA
;
_entity_poly.pdbx_strand_id   A
#
loop_
_chem_comp.id
_chem_comp.type
_chem_comp.name
_chem_comp.formula
GOL non-polymer GLYCEROL 'C3 H8 O3'
#
# COMPACT_ATOMS: atom_id res chain seq x y z
N GLN A 14 -22.17 -1.92 -22.99
CA GLN A 14 -21.41 -0.87 -22.32
C GLN A 14 -20.78 -1.38 -21.03
N TRP A 15 -19.58 -0.88 -20.73
CA TRP A 15 -18.87 -1.21 -19.51
C TRP A 15 -18.77 0.04 -18.65
N GLY A 16 -19.08 -0.10 -17.36
CA GLY A 16 -19.07 1.03 -16.47
C GLY A 16 -20.33 1.87 -16.59
N ILE A 17 -20.27 3.04 -15.95
CA ILE A 17 -21.47 3.85 -15.79
C ILE A 17 -21.76 4.77 -16.97
N THR A 18 -20.78 5.07 -17.81
CA THR A 18 -20.96 6.07 -18.86
C THR A 18 -20.48 5.54 -20.21
N PRO A 19 -20.84 6.22 -21.29
CA PRO A 19 -20.54 5.70 -22.62
C PRO A 19 -19.05 5.60 -22.85
N PRO A 20 -18.61 4.66 -23.68
CA PRO A 20 -17.18 4.57 -23.99
C PRO A 20 -16.71 5.74 -24.83
N ILE A 21 -15.41 6.04 -24.70
CA ILE A 21 -14.80 7.07 -25.55
C ILE A 21 -14.62 6.55 -26.97
N SER A 22 -14.20 5.29 -27.10
CA SER A 22 -14.00 4.69 -28.41
C SER A 22 -14.22 3.18 -28.29
N THR A 23 -14.78 2.59 -29.34
CA THR A 23 -14.97 1.15 -29.42
C THR A 23 -14.18 0.54 -30.57
N ALA A 24 -13.33 1.32 -31.24
CA ALA A 24 -12.63 0.84 -32.41
C ALA A 24 -11.61 -0.24 -32.04
N PRO A 25 -11.35 -1.17 -32.96
CA PRO A 25 -10.25 -2.11 -32.74
C PRO A 25 -8.91 -1.40 -32.75
N ALA A 26 -7.93 -2.05 -32.15
CA ALA A 26 -6.57 -1.53 -32.16
C ALA A 26 -6.05 -1.46 -33.59
N THR A 27 -5.35 -0.38 -33.90
CA THR A 27 -4.70 -0.26 -35.19
C THR A 27 -3.40 -1.05 -35.19
N GLU A 28 -2.84 -1.24 -36.39
CA GLU A 28 -1.56 -1.94 -36.50
C GLU A 28 -0.48 -1.22 -35.70
N GLN A 29 -0.45 0.11 -35.78
CA GLN A 29 0.54 0.87 -35.02
C GLN A 29 0.32 0.72 -33.52
N GLU A 30 -0.95 0.68 -33.08
CA GLU A 30 -1.21 0.51 -31.65
C GLU A 30 -0.81 -0.88 -31.18
N ASN A 31 -0.99 -1.90 -32.01
CA ASN A 31 -0.52 -3.23 -31.65
C ASN A 31 0.99 -3.27 -31.53
N ALA A 32 1.70 -2.59 -32.44
CA ALA A 32 3.15 -2.58 -32.39
C ALA A 32 3.64 -1.86 -31.13
N LEU A 33 3.01 -0.73 -30.79
CA LEU A 33 3.37 -0.02 -29.56
C LEU A 33 3.01 -0.84 -28.32
N ASN A 34 1.98 -1.70 -28.44
CA ASN A 34 1.66 -2.59 -27.32
C ASN A 34 2.76 -3.62 -27.10
N THR A 35 3.28 -4.18 -28.19
CA THR A 35 4.42 -5.10 -28.07
C THR A 35 5.63 -4.39 -27.49
N ALA A 36 5.88 -3.15 -27.93
CA ALA A 36 6.99 -2.37 -27.40
C ALA A 36 6.80 -2.06 -25.93
N LEU A 37 5.56 -1.81 -25.51
CA LEU A 37 5.29 -1.58 -24.10
C LEU A 37 5.66 -2.81 -23.27
N ILE A 38 5.20 -3.98 -23.69
CA ILE A 38 5.49 -5.20 -22.94
C ILE A 38 6.98 -5.49 -22.93
N ASN A 39 7.67 -5.17 -24.03
CA ASN A 39 9.12 -5.34 -24.08
C ASN A 39 9.82 -4.45 -23.06
N GLU A 40 9.31 -3.24 -22.84
CA GLU A 40 9.94 -2.36 -21.85
C GLU A 40 9.64 -2.84 -20.44
N LEU A 41 8.45 -3.42 -20.21
CA LEU A 41 8.18 -4.01 -18.91
C LEU A 41 9.09 -5.21 -18.65
N LYS A 42 9.38 -6.00 -19.69
CA LYS A 42 10.39 -7.05 -19.56
C LYS A 42 11.77 -6.45 -19.33
N ASN A 43 12.09 -5.38 -20.08
CA ASN A 43 13.36 -4.70 -19.91
C ASN A 43 13.57 -4.25 -18.47
N GLN A 44 12.49 -3.83 -17.81
CA GLN A 44 12.55 -3.44 -16.40
C GLN A 44 12.51 -4.63 -15.45
N ASN A 45 12.43 -5.86 -16.00
CA ASN A 45 12.54 -7.08 -15.20
C ASN A 45 11.38 -7.22 -14.21
N LEU A 46 10.18 -6.85 -14.66
CA LEU A 46 9.01 -6.84 -13.78
C LEU A 46 8.28 -8.18 -13.72
N PHE A 47 8.64 -9.14 -14.56
CA PHE A 47 7.98 -10.44 -14.57
C PHE A 47 8.86 -11.48 -13.86
N GLU A 48 8.28 -12.18 -12.88
CA GLU A 48 9.03 -13.22 -12.18
C GLU A 48 9.22 -14.45 -13.08
N SER A 49 10.19 -15.27 -12.71
CA SER A 49 10.45 -16.48 -13.46
C SER A 49 9.29 -17.47 -13.29
N PRO A 50 9.10 -18.37 -14.25
CA PRO A 50 8.08 -19.42 -14.05
C PRO A 50 8.32 -20.26 -12.81
N ALA A 51 9.58 -20.46 -12.42
CA ALA A 51 9.86 -21.24 -11.21
C ALA A 51 9.29 -20.55 -9.97
N GLU A 52 9.45 -19.24 -9.88
CA GLU A 52 8.89 -18.53 -8.73
C GLU A 52 7.37 -18.56 -8.77
N SER A 53 6.78 -18.49 -9.97
CA SER A 53 5.33 -18.56 -10.09
C SER A 53 4.80 -19.92 -9.65
N GLU A 54 5.51 -20.99 -10.03
CA GLU A 54 5.09 -22.33 -9.62
C GLU A 54 5.25 -22.52 -8.12
N LYS A 55 6.29 -21.93 -7.54
CA LYS A 55 6.49 -22.02 -6.11
C LYS A 55 5.35 -21.35 -5.35
N ARG A 56 4.83 -20.23 -5.88
CA ARG A 56 3.71 -19.56 -5.23
C ARG A 56 2.46 -20.42 -5.26
N VAL A 57 2.19 -21.07 -6.39
CA VAL A 57 1.04 -21.98 -6.48
C VAL A 57 1.19 -23.13 -5.49
N LYS A 58 2.41 -23.66 -5.36
CA LYS A 58 2.63 -24.75 -4.41
C LYS A 58 2.44 -24.28 -2.98
N VAL A 59 2.92 -23.08 -2.66
CA VAL A 59 2.77 -22.57 -1.30
C VAL A 59 1.30 -22.37 -0.97
N LEU A 60 0.52 -21.82 -1.93
CA LEU A 60 -0.90 -21.63 -1.68
C LEU A 60 -1.63 -22.96 -1.53
N ASP A 61 -1.19 -23.98 -2.27
CA ASP A 61 -1.79 -25.30 -2.12
C ASP A 61 -1.50 -25.88 -0.74
N GLU A 62 -0.29 -25.66 -0.24
CA GLU A 62 0.05 -26.13 1.11
C GLU A 62 -0.79 -25.40 2.16
N LEU A 63 -0.97 -24.09 2.00
CA LEU A 63 -1.77 -23.33 2.95
C LEU A 63 -3.23 -23.78 2.95
N GLN A 64 -3.74 -24.19 1.78
CA GLN A 64 -5.10 -24.70 1.73
C GLN A 64 -5.22 -26.01 2.52
N GLN A 65 -4.20 -26.86 2.46
CA GLN A 65 -4.22 -28.11 3.23
C GLN A 65 -4.07 -27.84 4.72
N ILE A 66 -3.21 -26.89 5.10
CA ILE A 66 -3.08 -26.53 6.50
C ILE A 66 -4.37 -25.92 7.01
N THR A 67 -5.10 -25.19 6.16
CA THR A 67 -6.38 -24.62 6.55
C THR A 67 -7.41 -25.71 6.87
N THR A 68 -7.53 -26.69 5.98
CA THR A 68 -8.44 -27.80 6.22
C THR A 68 -8.05 -28.57 7.47
N GLU A 69 -6.76 -28.86 7.62
CA GLU A 69 -6.27 -29.51 8.84
C GLU A 69 -6.63 -28.70 10.08
N PHE A 70 -6.43 -27.39 10.01
CA PHE A 70 -6.72 -26.50 11.13
C PHE A 70 -8.21 -26.54 11.51
N VAL A 71 -9.09 -26.37 10.53
CA VAL A 71 -10.51 -26.38 10.80
C VAL A 71 -10.95 -27.75 11.34
N LYS A 72 -10.43 -28.82 10.76
CA LYS A 72 -10.80 -30.15 11.25
C LYS A 72 -10.36 -30.34 12.70
N LYS A 73 -9.15 -29.90 13.04
CA LYS A 73 -8.65 -30.05 14.40
C LYS A 73 -9.57 -29.34 15.40
N VAL A 74 -9.98 -28.11 15.07
CA VAL A 74 -10.88 -27.37 15.96
C VAL A 74 -12.21 -28.09 16.09
N SER A 75 -12.77 -28.55 14.96
CA SER A 75 -14.05 -29.24 14.99
C SER A 75 -14.00 -30.47 15.89
N LEU A 76 -12.90 -31.24 15.80
CA LEU A 76 -12.77 -32.43 16.65
C LEU A 76 -12.58 -32.05 18.12
N ALA A 77 -11.83 -30.98 18.39
CA ALA A 77 -11.68 -30.52 19.76
C ALA A 77 -13.00 -30.07 20.37
N LYS A 78 -13.97 -29.70 19.53
CA LYS A 78 -15.31 -29.36 19.99
C LYS A 78 -16.27 -30.55 19.84
N HIS A 79 -15.74 -31.74 19.62
CA HIS A 79 -16.46 -33.00 19.70
C HIS A 79 -17.43 -33.21 18.55
N MET A 80 -17.17 -32.58 17.40
CA MET A 80 -17.87 -32.95 16.18
CA MET A 80 -17.87 -32.95 16.18
C MET A 80 -17.42 -34.34 15.73
N ASN A 81 -18.35 -35.10 15.15
CA ASN A 81 -17.99 -36.43 14.70
C ASN A 81 -17.10 -36.33 13.45
N GLU A 82 -16.45 -37.46 13.13
CA GLU A 82 -15.49 -37.45 12.03
C GLU A 82 -16.13 -36.96 10.73
N LYS A 83 -17.34 -37.44 10.43
CA LYS A 83 -17.98 -37.08 9.18
C LYS A 83 -18.24 -35.58 9.09
N MET A 84 -18.78 -34.99 10.16
CA MET A 84 -19.03 -33.55 10.15
C MET A 84 -17.74 -32.76 10.16
N ALA A 85 -16.73 -33.24 10.91
CA ALA A 85 -15.45 -32.53 10.94
C ALA A 85 -14.82 -32.50 9.55
N ASN A 86 -15.03 -33.55 8.75
CA ASN A 86 -14.55 -33.56 7.37
C ASN A 86 -15.39 -32.70 6.43
N GLU A 87 -16.57 -32.27 6.86
CA GLU A 87 -17.41 -31.40 6.06
C GLU A 87 -17.28 -29.93 6.45
N ALA A 88 -16.60 -29.62 7.56
CA ALA A 88 -16.49 -28.24 8.00
C ALA A 88 -15.78 -27.37 6.97
N GLY A 89 -14.80 -27.94 6.26
CA GLY A 89 -14.12 -27.23 5.19
C GLY A 89 -13.14 -26.18 5.64
N GLY A 90 -13.22 -25.00 5.03
CA GLY A 90 -12.23 -23.96 5.23
C GLY A 90 -11.50 -23.68 3.93
N LYS A 91 -11.29 -22.40 3.59
CA LYS A 91 -10.78 -22.07 2.26
C LYS A 91 -9.80 -20.91 2.32
N ILE A 92 -8.75 -20.99 1.49
CA ILE A 92 -7.79 -19.92 1.31
C ILE A 92 -8.21 -19.06 0.11
N PHE A 93 -8.10 -17.74 0.27
CA PHE A 93 -8.28 -16.80 -0.82
C PHE A 93 -7.04 -15.92 -0.90
N THR A 94 -6.80 -15.34 -2.08
CA THR A 94 -5.82 -14.29 -2.23
C THR A 94 -6.52 -13.02 -2.71
N TYR A 95 -5.88 -11.89 -2.48
CA TYR A 95 -6.40 -10.62 -2.98
C TYR A 95 -5.21 -9.69 -3.24
N GLY A 96 -5.51 -8.44 -3.58
CA GLY A 96 -4.42 -7.52 -3.83
C GLY A 96 -3.66 -7.85 -5.10
N SER A 97 -2.37 -7.49 -5.11
CA SER A 97 -1.60 -7.56 -6.35
CA SER A 97 -1.59 -7.56 -6.34
C SER A 97 -1.50 -8.98 -6.88
N TYR A 98 -1.32 -9.97 -5.99
CA TYR A 98 -1.17 -11.34 -6.49
C TYR A 98 -2.45 -11.79 -7.19
N ARG A 99 -3.60 -11.53 -6.59
CA ARG A 99 -4.85 -11.96 -7.20
C ARG A 99 -5.10 -11.21 -8.51
N LEU A 100 -4.77 -9.92 -8.55
CA LEU A 100 -4.91 -9.14 -9.78
C LEU A 100 -3.96 -9.61 -10.87
N GLY A 101 -2.93 -10.38 -10.51
CA GLY A 101 -1.96 -10.85 -11.49
C GLY A 101 -0.91 -9.84 -11.87
N VAL A 102 -0.75 -8.77 -11.09
CA VAL A 102 0.22 -7.72 -11.35
C VAL A 102 1.11 -7.56 -10.13
N TYR A 103 2.12 -8.39 -10.02
CA TYR A 103 3.03 -8.38 -8.88
C TYR A 103 4.43 -8.69 -9.37
N GLY A 104 5.42 -8.06 -8.74
CA GLY A 104 6.79 -8.23 -9.15
C GLY A 104 7.48 -9.36 -8.42
N PRO A 105 8.65 -9.76 -8.90
CA PRO A 105 9.42 -10.81 -8.22
C PRO A 105 9.63 -10.46 -6.76
N GLY A 106 9.45 -11.47 -5.90
CA GLY A 106 9.66 -11.31 -4.48
C GLY A 106 8.55 -10.62 -3.72
N SER A 107 7.45 -10.27 -4.39
CA SER A 107 6.36 -9.56 -3.72
C SER A 107 5.58 -10.47 -2.78
N ASP A 108 4.89 -9.86 -1.82
CA ASP A 108 4.10 -10.59 -0.84
C ASP A 108 2.76 -11.03 -1.43
N ILE A 109 2.24 -12.13 -0.91
CA ILE A 109 0.91 -12.61 -1.28
C ILE A 109 -0.06 -12.23 -0.16
N ASP A 110 -1.00 -11.35 -0.46
CA ASP A 110 -2.09 -11.07 0.48
C ASP A 110 -3.05 -12.24 0.50
N THR A 111 -3.22 -12.86 1.66
CA THR A 111 -3.90 -14.13 1.77
C THR A 111 -4.93 -14.08 2.90
N LEU A 112 -6.09 -14.70 2.68
CA LEU A 112 -7.20 -14.70 3.62
C LEU A 112 -7.69 -16.13 3.84
N VAL A 113 -7.81 -16.53 5.10
CA VAL A 113 -8.39 -17.83 5.44
CA VAL A 113 -8.38 -17.83 5.47
C VAL A 113 -9.80 -17.61 5.94
N VAL A 114 -10.75 -18.33 5.36
CA VAL A 114 -12.17 -18.23 5.68
C VAL A 114 -12.60 -19.55 6.32
N VAL A 115 -13.32 -19.46 7.43
CA VAL A 115 -13.66 -20.63 8.23
C VAL A 115 -15.11 -20.57 8.65
N PRO A 116 -15.68 -21.70 9.02
CA PRO A 116 -17.08 -21.75 9.47
C PRO A 116 -17.23 -21.19 10.88
N LYS A 117 -18.49 -21.08 11.32
CA LYS A 117 -18.82 -20.28 12.49
C LYS A 117 -18.22 -20.83 13.79
N HIS A 118 -17.95 -22.13 13.86
CA HIS A 118 -17.40 -22.73 15.08
C HIS A 118 -15.88 -22.63 15.14
N VAL A 119 -15.26 -21.83 14.27
CA VAL A 119 -13.83 -21.55 14.33
C VAL A 119 -13.69 -20.04 14.53
N SER A 120 -13.00 -19.65 15.59
CA SER A 120 -13.01 -18.25 16.04
C SER A 120 -11.66 -17.60 15.82
N ARG A 121 -11.67 -16.26 15.89
CA ARG A 121 -10.41 -15.52 15.80
C ARG A 121 -9.43 -15.96 16.89
N ASP A 122 -9.95 -16.42 18.03
CA ASP A 122 -9.07 -16.97 19.06
C ASP A 122 -8.36 -18.23 18.56
N ASN A 123 -9.07 -19.11 17.85
CA ASN A 123 -8.43 -20.30 17.30
C ASN A 123 -7.36 -19.93 16.28
N PHE A 124 -7.57 -18.84 15.53
CA PHE A 124 -6.59 -18.37 14.55
C PHE A 124 -5.23 -18.17 15.20
N PHE A 125 -5.17 -17.38 16.27
CA PHE A 125 -3.90 -17.06 16.88
C PHE A 125 -3.42 -18.14 17.86
N GLN A 126 -4.34 -18.89 18.46
CA GLN A 126 -3.97 -19.89 19.45
C GLN A 126 -3.76 -21.28 18.85
N ASP A 127 -4.43 -21.60 17.75
CA ASP A 127 -4.35 -22.93 17.16
C ASP A 127 -3.66 -22.97 15.80
N LEU A 128 -4.05 -22.09 14.87
CA LEU A 128 -3.40 -22.10 13.56
C LEU A 128 -1.96 -21.63 13.65
N GLU A 129 -1.71 -20.57 14.42
CA GLU A 129 -0.35 -20.05 14.55
C GLU A 129 0.65 -21.13 14.95
N PRO A 130 0.43 -21.89 16.03
CA PRO A 130 1.39 -22.97 16.35
C PRO A 130 1.54 -23.98 15.23
N MET A 131 0.47 -24.29 14.50
CA MET A 131 0.58 -25.23 13.39
C MET A 131 1.57 -24.72 12.33
N LEU A 132 1.52 -23.41 12.05
CA LEU A 132 2.47 -22.83 11.11
C LEU A 132 3.89 -22.90 11.65
N ARG A 133 4.07 -22.60 12.94
CA ARG A 133 5.41 -22.58 13.54
C ARG A 133 6.07 -23.95 13.48
N GLU A 134 5.28 -25.03 13.51
CA GLU A 134 5.84 -26.36 13.46
C GLU A 134 6.22 -26.82 12.06
N ARG A 135 5.83 -26.09 11.03
CA ARG A 135 6.23 -26.45 9.67
C ARG A 135 7.67 -26.02 9.43
N GLU A 136 8.46 -26.94 8.86
CA GLU A 136 9.84 -26.59 8.54
C GLU A 136 9.94 -25.57 7.41
N GLU A 137 8.91 -25.48 6.57
CA GLU A 137 8.91 -24.50 5.48
C GLU A 137 8.65 -23.08 5.95
N VAL A 138 8.20 -22.89 7.19
CA VAL A 138 7.76 -21.58 7.67
C VAL A 138 8.91 -20.91 8.41
N THR A 139 9.17 -19.65 8.07
CA THR A 139 10.17 -18.84 8.76
C THR A 139 9.60 -17.44 8.97
N ASP A 140 10.26 -16.66 9.83
CA ASP A 140 9.91 -15.27 10.08
C ASP A 140 8.45 -15.10 10.49
N LEU A 141 7.96 -16.05 11.29
CA LEU A 141 6.57 -16.03 11.72
C LEU A 141 6.36 -14.95 12.79
N ALA A 142 5.38 -14.08 12.57
CA ALA A 142 5.12 -12.97 13.49
C ALA A 142 3.62 -12.69 13.49
N ALA A 143 2.98 -12.94 14.63
CA ALA A 143 1.55 -12.69 14.78
C ALA A 143 1.32 -11.26 15.27
N VAL A 144 0.33 -10.59 14.69
CA VAL A 144 0.01 -9.21 15.03
C VAL A 144 -1.49 -9.08 15.26
N PRO A 145 -2.03 -9.59 16.37
CA PRO A 145 -3.49 -9.57 16.56
C PRO A 145 -4.06 -8.19 16.84
N ASP A 146 -3.23 -7.18 17.12
CA ASP A 146 -3.72 -5.85 17.46
C ASP A 146 -3.85 -4.92 16.27
N ALA A 147 -3.43 -5.34 15.09
CA ALA A 147 -3.50 -4.47 13.92
C ALA A 147 -4.96 -4.16 13.57
N TYR A 148 -5.13 -3.13 12.73
CA TYR A 148 -6.46 -2.78 12.26
C TYR A 148 -7.14 -3.99 11.62
N VAL A 149 -6.44 -4.65 10.71
CA VAL A 149 -6.83 -5.97 10.21
C VAL A 149 -5.87 -6.98 10.85
N PRO A 150 -6.32 -7.75 11.85
CA PRO A 150 -5.43 -8.73 12.47
C PRO A 150 -4.79 -9.63 11.43
N ILE A 151 -3.53 -10.00 11.66
CA ILE A 151 -2.72 -10.63 10.62
C ILE A 151 -1.67 -11.53 11.25
N ILE A 152 -1.29 -12.58 10.51
CA ILE A 152 -0.13 -13.40 10.81
C ILE A 152 0.82 -13.31 9.61
N LYS A 153 2.02 -12.80 9.85
CA LYS A 153 3.02 -12.64 8.79
C LYS A 153 4.09 -13.71 8.90
N PHE A 154 4.51 -14.24 7.75
CA PHE A 154 5.54 -15.27 7.72
C PHE A 154 5.95 -15.50 6.27
N LYS A 155 7.03 -16.27 6.12
CA LYS A 155 7.47 -16.78 4.83
C LYS A 155 7.28 -18.29 4.79
N PHE A 156 6.81 -18.79 3.66
CA PHE A 156 6.64 -20.22 3.43
C PHE A 156 7.52 -20.58 2.23
N LEU A 157 8.57 -21.36 2.47
CA LEU A 157 9.55 -21.67 1.44
C LEU A 157 10.12 -20.39 0.81
N GLY A 158 10.25 -19.34 1.62
CA GLY A 158 10.77 -18.07 1.16
C GLY A 158 9.74 -17.12 0.57
N ILE A 159 8.53 -17.59 0.31
CA ILE A 159 7.47 -16.73 -0.20
C ILE A 159 6.82 -16.00 0.97
N SER A 160 6.70 -14.68 0.86
CA SER A 160 6.12 -13.87 1.92
C SER A 160 4.60 -13.91 1.88
N ILE A 161 4.00 -14.21 3.02
CA ILE A 161 2.56 -14.37 3.15
C ILE A 161 2.06 -13.41 4.22
N ASP A 162 1.05 -12.61 3.88
CA ASP A 162 0.32 -11.78 4.83
C ASP A 162 -1.05 -12.42 5.00
N LEU A 163 -1.23 -13.17 6.09
CA LEU A 163 -2.41 -14.02 6.28
C LEU A 163 -3.38 -13.36 7.24
N ILE A 164 -4.60 -13.10 6.77
CA ILE A 164 -5.67 -12.56 7.59
C ILE A 164 -6.79 -13.59 7.66
N PHE A 165 -7.75 -13.33 8.54
CA PHE A 165 -8.72 -14.33 8.99
C PHE A 165 -10.13 -13.74 8.98
N ALA A 166 -11.09 -14.56 8.56
CA ALA A 166 -12.50 -14.19 8.62
C ALA A 166 -13.33 -15.41 8.96
N ARG A 167 -14.21 -15.28 9.96
CA ARG A 167 -15.14 -16.33 10.34
C ARG A 167 -16.52 -15.99 9.76
N LEU A 168 -17.08 -16.93 9.02
CA LEU A 168 -18.43 -16.78 8.48
C LEU A 168 -19.45 -17.36 9.44
N SER A 169 -20.70 -16.94 9.29
CA SER A 169 -21.80 -17.40 10.12
CA SER A 169 -21.80 -17.40 10.12
C SER A 169 -22.49 -18.64 9.55
N VAL A 170 -21.74 -19.49 8.85
CA VAL A 170 -22.29 -20.69 8.24
C VAL A 170 -21.58 -21.89 8.85
N PRO A 171 -22.22 -23.06 8.84
CA PRO A 171 -21.60 -24.24 9.44
C PRO A 171 -20.50 -24.88 8.59
N ARG A 172 -20.43 -24.59 7.30
CA ARG A 172 -19.47 -25.21 6.40
C ARG A 172 -18.94 -24.20 5.39
N VAL A 173 -17.66 -24.30 5.10
CA VAL A 173 -17.01 -23.49 4.06
C VAL A 173 -16.47 -24.42 2.99
N PRO A 174 -17.22 -24.66 1.91
CA PRO A 174 -16.76 -25.62 0.90
C PRO A 174 -15.68 -25.02 0.01
N ARG A 175 -14.96 -25.91 -0.68
CA ARG A 175 -13.85 -25.50 -1.51
C ARG A 175 -14.26 -24.58 -2.65
N ASP A 176 -15.53 -24.62 -3.07
CA ASP A 176 -15.99 -23.80 -4.18
C ASP A 176 -16.68 -22.53 -3.72
N LEU A 177 -16.57 -22.17 -2.45
CA LEU A 177 -17.24 -20.98 -1.95
C LEU A 177 -16.69 -19.72 -2.60
N GLU A 178 -17.60 -18.84 -3.04
CA GLU A 178 -17.24 -17.50 -3.48
CA GLU A 178 -17.29 -17.51 -3.51
C GLU A 178 -17.86 -16.50 -2.52
N LEU A 179 -17.23 -15.32 -2.43
CA LEU A 179 -17.56 -14.35 -1.40
C LEU A 179 -18.39 -13.17 -1.90
N SER A 180 -19.00 -13.29 -3.08
CA SER A 180 -19.64 -12.12 -3.69
C SER A 180 -20.96 -11.75 -3.01
N ASP A 181 -21.73 -12.75 -2.58
CA ASP A 181 -23.05 -12.48 -1.99
C ASP A 181 -22.94 -11.59 -0.77
N ASN A 182 -23.63 -10.46 -0.79
CA ASN A 182 -23.56 -9.51 0.33
C ASN A 182 -24.12 -10.12 1.62
N ASN A 183 -25.02 -11.10 1.50
CA ASN A 183 -25.61 -11.70 2.68
C ASN A 183 -24.60 -12.51 3.49
N LEU A 184 -23.48 -12.90 2.87
CA LEU A 184 -22.42 -13.57 3.62
C LEU A 184 -21.88 -12.70 4.74
N LEU A 185 -22.12 -11.38 4.69
CA LEU A 185 -21.63 -10.50 5.74
C LEU A 185 -22.51 -10.50 6.99
N LYS A 186 -23.74 -11.00 6.89
CA LYS A 186 -24.65 -10.99 8.03
C LYS A 186 -24.19 -11.98 9.09
N GLY A 187 -24.20 -11.55 10.34
CA GLY A 187 -23.75 -12.38 11.44
C GLY A 187 -22.26 -12.53 11.56
N VAL A 188 -21.48 -11.73 10.82
CA VAL A 188 -20.02 -11.79 10.86
C VAL A 188 -19.51 -10.69 11.78
N GLU A 189 -18.46 -11.00 12.54
CA GLU A 189 -17.92 -10.04 13.48
C GLU A 189 -17.24 -8.88 12.74
N GLU A 190 -17.07 -7.77 13.46
CA GLU A 190 -16.63 -6.52 12.83
C GLU A 190 -15.29 -6.70 12.14
N ARG A 191 -14.31 -7.27 12.84
CA ARG A 191 -12.98 -7.42 12.24
C ARG A 191 -13.00 -8.43 11.10
N CYS A 192 -13.91 -9.40 11.14
CA CYS A 192 -14.02 -10.35 10.04
C CYS A 192 -14.64 -9.71 8.81
N VAL A 193 -15.62 -8.82 8.99
CA VAL A 193 -16.19 -8.10 7.85
C VAL A 193 -15.11 -7.28 7.17
N LEU A 194 -14.24 -6.63 7.96
CA LEU A 194 -13.15 -5.87 7.37
C LEU A 194 -12.16 -6.78 6.65
N SER A 195 -11.91 -7.96 7.22
CA SER A 195 -10.96 -8.89 6.60
C SER A 195 -11.48 -9.44 5.29
N LEU A 196 -12.81 -9.46 5.08
CA LEU A 196 -13.37 -9.97 3.85
C LEU A 196 -13.33 -8.95 2.71
N ASN A 197 -13.17 -7.66 3.03
CA ASN A 197 -13.37 -6.62 2.03
C ASN A 197 -12.33 -6.69 0.93
N GLY A 198 -11.06 -6.93 1.27
CA GLY A 198 -10.02 -6.90 0.27
C GLY A 198 -10.26 -7.89 -0.86
N THR A 199 -10.64 -9.12 -0.52
CA THR A 199 -10.92 -10.14 -1.53
C THR A 199 -12.18 -9.80 -2.31
N ARG A 200 -13.23 -9.32 -1.64
CA ARG A 200 -14.44 -8.93 -2.35
C ARG A 200 -14.16 -7.79 -3.33
N VAL A 201 -13.25 -6.87 -2.98
CA VAL A 201 -12.94 -5.76 -3.86
C VAL A 201 -12.14 -6.22 -5.08
N THR A 202 -11.09 -7.01 -4.84
CA THR A 202 -10.27 -7.48 -5.95
C THR A 202 -11.10 -8.24 -6.97
N ASP A 203 -11.98 -9.14 -6.49
CA ASP A 203 -12.78 -9.94 -7.40
C ASP A 203 -13.69 -9.06 -8.26
N GLN A 204 -14.27 -8.02 -7.68
CA GLN A 204 -15.18 -7.17 -8.43
C GLN A 204 -14.44 -6.38 -9.50
N ILE A 205 -13.28 -5.82 -9.18
CA ILE A 205 -12.49 -5.08 -10.16
C ILE A 205 -12.26 -5.94 -11.40
N LEU A 206 -11.82 -7.19 -11.19
CA LEU A 206 -11.58 -8.08 -12.31
C LEU A 206 -12.85 -8.38 -13.10
N GLN A 207 -14.00 -8.40 -12.42
CA GLN A 207 -15.27 -8.65 -13.10
C GLN A 207 -15.80 -7.44 -13.84
N LEU A 208 -15.31 -6.24 -13.52
CA LEU A 208 -15.87 -5.00 -14.04
C LEU A 208 -15.10 -4.43 -15.21
N VAL A 209 -13.98 -5.03 -15.61
CA VAL A 209 -13.20 -4.55 -16.75
C VAL A 209 -13.52 -5.39 -17.98
N PRO A 210 -13.50 -4.79 -19.18
CA PRO A 210 -13.89 -5.56 -20.37
C PRO A 210 -12.91 -6.63 -20.77
N ASN A 211 -11.62 -6.45 -20.48
CA ASN A 211 -10.59 -7.36 -20.97
C ASN A 211 -9.52 -7.46 -19.88
N ARG A 212 -9.50 -8.58 -19.17
CA ARG A 212 -8.61 -8.71 -18.02
C ARG A 212 -7.14 -8.68 -18.44
N ALA A 213 -6.80 -9.32 -19.56
CA ALA A 213 -5.41 -9.32 -19.99
C ALA A 213 -4.92 -7.91 -20.30
N VAL A 214 -5.75 -7.12 -20.98
CA VAL A 214 -5.39 -5.73 -21.28
C VAL A 214 -5.25 -4.93 -20.00
N PHE A 215 -6.17 -5.12 -19.06
CA PHE A 215 -6.11 -4.41 -17.79
C PHE A 215 -4.82 -4.71 -17.03
N LYS A 216 -4.41 -5.98 -16.99
CA LYS A 216 -3.24 -6.35 -16.19
C LYS A 216 -1.97 -5.67 -16.72
N HIS A 217 -1.74 -5.72 -18.02
CA HIS A 217 -0.57 -5.06 -18.60
C HIS A 217 -0.59 -3.56 -18.35
N ALA A 218 -1.75 -2.93 -18.54
CA ALA A 218 -1.86 -1.50 -18.30
C ALA A 218 -1.58 -1.16 -16.84
N LEU A 219 -2.14 -1.95 -15.92
CA LEU A 219 -1.90 -1.70 -14.50
C LEU A 219 -0.44 -1.87 -14.15
N ARG A 220 0.20 -2.91 -14.71
CA ARG A 220 1.62 -3.11 -14.45
C ARG A 220 2.43 -1.87 -14.83
N ALA A 221 2.13 -1.28 -16.00
CA ALA A 221 2.84 -0.09 -16.43
C ALA A 221 2.51 1.10 -15.53
N ILE A 222 1.23 1.31 -15.24
CA ILE A 222 0.82 2.45 -14.42
C ILE A 222 1.40 2.32 -13.02
N LYS A 223 1.35 1.12 -12.44
CA LYS A 223 1.92 0.93 -11.11
C LYS A 223 3.42 1.19 -11.09
N PHE A 224 4.14 0.69 -12.09
CA PHE A 224 5.58 0.93 -12.15
C PHE A 224 5.89 2.41 -12.31
N TRP A 225 5.17 3.09 -13.21
CA TRP A 225 5.32 4.54 -13.35
C TRP A 225 5.12 5.24 -12.01
N ALA A 226 4.03 4.91 -11.30
CA ALA A 226 3.73 5.58 -10.04
C ALA A 226 4.83 5.35 -9.02
N GLN A 227 5.35 4.12 -8.94
CA GLN A 227 6.45 3.86 -8.02
C GLN A 227 7.72 4.59 -8.43
N ARG A 228 8.03 4.60 -9.74
CA ARG A 228 9.23 5.30 -10.21
C ARG A 228 9.14 6.79 -9.93
N ARG A 229 7.95 7.37 -9.97
CA ARG A 229 7.75 8.77 -9.66
C ARG A 229 7.54 9.04 -8.18
N ALA A 230 7.49 7.99 -7.34
CA ALA A 230 7.36 8.14 -5.90
C ALA A 230 6.00 8.71 -5.48
N ILE A 231 4.95 8.34 -6.21
CA ILE A 231 3.59 8.74 -5.86
C ILE A 231 2.73 7.50 -5.66
N TYR A 232 3.32 6.52 -4.97
N TYR A 232 3.21 6.55 -4.84
CA TYR A 232 2.71 5.25 -4.64
CA TYR A 232 2.51 5.25 -4.70
C TYR A 232 3.02 5.04 -3.16
C TYR A 232 2.07 4.88 -3.29
N ALA A 233 2.29 5.74 -2.29
CA ALA A 233 2.25 5.38 -0.87
C ALA A 233 0.99 5.94 -0.22
N ASN A 234 0.06 5.06 0.14
CA ASN A 234 -1.20 5.50 0.72
C ASN A 234 -0.99 6.27 2.02
N VAL A 235 -0.01 5.86 2.83
CA VAL A 235 0.08 6.41 4.19
C VAL A 235 0.33 7.92 4.18
N VAL A 236 1.03 8.44 3.19
CA VAL A 236 1.34 9.86 3.14
C VAL A 236 0.45 10.62 2.17
N GLY A 237 -0.58 9.97 1.63
CA GLY A 237 -1.55 10.66 0.80
C GLY A 237 -1.38 10.50 -0.70
N PHE A 238 -0.62 9.53 -1.16
CA PHE A 238 -0.68 9.19 -2.56
C PHE A 238 -1.55 7.96 -2.75
N PRO A 239 -2.00 7.67 -3.96
CA PRO A 239 -2.80 6.47 -4.16
C PRO A 239 -1.97 5.21 -3.93
N GLY A 240 -2.60 4.21 -3.31
CA GLY A 240 -1.99 2.92 -3.12
C GLY A 240 -2.38 1.94 -4.21
N GLY A 241 -2.02 0.67 -3.98
CA GLY A 241 -2.22 -0.35 -5.01
C GLY A 241 -3.67 -0.45 -5.46
N VAL A 242 -4.59 -0.55 -4.50
CA VAL A 242 -5.99 -0.70 -4.85
C VAL A 242 -6.50 0.54 -5.60
N ALA A 243 -6.09 1.72 -5.15
CA ALA A 243 -6.58 2.95 -5.79
C ALA A 243 -6.07 3.07 -7.22
N TRP A 244 -4.78 2.75 -7.45
CA TRP A 244 -4.29 2.80 -8.82
C TRP A 244 -4.98 1.75 -9.69
N ALA A 245 -5.27 0.58 -9.11
CA ALA A 245 -5.94 -0.47 -9.88
C ALA A 245 -7.32 -0.02 -10.34
N MET A 246 -8.07 0.62 -9.45
CA MET A 246 -9.41 1.09 -9.84
C MET A 246 -9.34 2.21 -10.86
N MET A 247 -8.34 3.10 -10.75
CA MET A 247 -8.19 4.14 -11.76
C MET A 247 -7.93 3.55 -13.13
N VAL A 248 -7.06 2.54 -13.21
CA VAL A 248 -6.79 1.88 -14.48
C VAL A 248 -8.06 1.19 -14.99
N ALA A 249 -8.79 0.52 -14.09
CA ALA A 249 -10.01 -0.17 -14.49
C ALA A 249 -11.02 0.80 -15.09
N ARG A 250 -11.15 2.00 -14.51
CA ARG A 250 -12.09 2.98 -15.05
C ARG A 250 -11.76 3.34 -16.49
N ILE A 251 -10.47 3.52 -16.80
CA ILE A 251 -10.07 3.85 -18.16
C ILE A 251 -10.30 2.66 -19.08
N CYS A 252 -10.05 1.44 -18.59
CA CYS A 252 -10.32 0.25 -19.38
C CYS A 252 -11.79 0.18 -19.79
N GLN A 253 -12.70 0.58 -18.88
CA GLN A 253 -14.13 0.59 -19.23
C GLN A 253 -14.43 1.56 -20.35
N LEU A 254 -13.70 2.67 -20.41
CA LEU A 254 -13.95 3.68 -21.44
C LEU A 254 -13.36 3.30 -22.81
N TYR A 255 -12.50 2.29 -22.85
CA TYR A 255 -11.89 1.81 -24.10
C TYR A 255 -12.01 0.29 -24.13
N PRO A 256 -13.23 -0.24 -24.27
CA PRO A 256 -13.42 -1.69 -24.08
C PRO A 256 -12.74 -2.56 -25.11
N ASN A 257 -12.37 -2.04 -26.28
CA ASN A 257 -11.74 -2.84 -27.32
C ASN A 257 -10.27 -2.49 -27.54
N ALA A 258 -9.67 -1.72 -26.64
CA ALA A 258 -8.31 -1.24 -26.86
C ALA A 258 -7.28 -2.28 -26.40
N VAL A 259 -6.02 -2.00 -26.72
CA VAL A 259 -4.91 -2.75 -26.19
C VAL A 259 -4.25 -1.93 -25.09
N SER A 260 -3.32 -2.55 -24.36
CA SER A 260 -2.79 -1.91 -23.16
C SER A 260 -2.06 -0.62 -23.49
N SER A 261 -1.34 -0.57 -24.61
CA SER A 261 -0.65 0.65 -24.99
C SER A 261 -1.60 1.84 -25.05
N VAL A 262 -2.82 1.62 -25.54
CA VAL A 262 -3.78 2.73 -25.66
C VAL A 262 -4.34 3.11 -24.30
N ILE A 263 -4.64 2.12 -23.45
CA ILE A 263 -5.08 2.40 -22.08
C ILE A 263 -4.08 3.31 -21.38
N VAL A 264 -2.80 2.93 -21.41
CA VAL A 264 -1.76 3.70 -20.73
C VAL A 264 -1.65 5.09 -21.32
N ALA A 265 -1.65 5.19 -22.65
CA ALA A 265 -1.45 6.48 -23.31
C ALA A 265 -2.58 7.46 -23.02
N LYS A 266 -3.80 6.96 -22.87
CA LYS A 266 -4.95 7.84 -22.64
C LYS A 266 -5.22 8.06 -21.16
N PHE A 267 -4.68 7.19 -20.30
CA PHE A 267 -4.94 7.22 -18.87
C PHE A 267 -4.67 8.59 -18.26
N PHE A 268 -3.52 9.18 -18.57
CA PHE A 268 -3.05 10.32 -17.81
C PHE A 268 -3.93 11.54 -18.03
N ARG A 269 -4.22 11.86 -19.29
CA ARG A 269 -4.99 13.07 -19.61
C ARG A 269 -6.43 12.95 -19.10
N ILE A 270 -7.05 11.78 -19.24
CA ILE A 270 -8.40 11.61 -18.73
C ILE A 270 -8.46 11.91 -17.24
N LEU A 271 -7.44 11.47 -16.50
CA LEU A 271 -7.49 11.64 -15.05
C LEU A 271 -7.05 13.02 -14.60
N HIS A 272 -6.16 13.70 -15.32
CA HIS A 272 -5.84 15.06 -14.87
C HIS A 272 -6.82 16.10 -15.41
N GLN A 273 -7.68 15.72 -16.36
CA GLN A 273 -8.79 16.58 -16.78
C GLN A 273 -10.11 16.20 -16.13
N TRP A 274 -10.13 15.14 -15.33
CA TRP A 274 -11.33 14.69 -14.64
C TRP A 274 -11.89 15.80 -13.76
N ASN A 275 -13.22 15.82 -13.63
CA ASN A 275 -13.91 16.89 -12.90
C ASN A 275 -13.94 16.56 -11.40
N TRP A 276 -12.75 16.54 -10.80
CA TRP A 276 -12.64 16.30 -9.38
C TRP A 276 -13.43 17.38 -8.62
N PRO A 277 -14.08 17.04 -7.50
CA PRO A 277 -14.02 15.75 -6.82
C PRO A 277 -15.07 14.71 -7.22
N GLN A 278 -15.62 14.77 -8.43
CA GLN A 278 -16.48 13.70 -8.90
CA GLN A 278 -16.49 13.71 -8.89
C GLN A 278 -15.77 12.36 -8.72
N PRO A 279 -16.42 11.36 -8.15
CA PRO A 279 -15.72 10.11 -7.83
C PRO A 279 -15.46 9.23 -9.03
N ILE A 280 -14.44 8.40 -8.89
CA ILE A 280 -14.19 7.28 -9.78
C ILE A 280 -15.01 6.10 -9.25
N LEU A 281 -16.03 5.70 -9.99
CA LEU A 281 -16.85 4.54 -9.64
C LEU A 281 -16.79 3.54 -10.79
N LEU A 282 -16.56 2.26 -10.45
CA LEU A 282 -16.58 1.20 -11.44
C LEU A 282 -17.98 0.67 -11.69
N LYS A 283 -18.91 0.95 -10.78
CA LYS A 283 -20.31 0.58 -10.90
C LYS A 283 -21.10 1.41 -9.90
N PRO A 284 -22.41 1.44 -10.01
CA PRO A 284 -23.20 2.23 -9.06
C PRO A 284 -23.04 1.72 -7.64
N ILE A 285 -22.98 2.66 -6.70
CA ILE A 285 -22.89 2.30 -5.29
C ILE A 285 -24.16 1.61 -4.86
N GLU A 286 -24.03 0.44 -4.23
CA GLU A 286 -25.17 -0.36 -3.83
C GLU A 286 -25.42 -0.23 -2.33
N ASP A 287 -26.61 -0.64 -1.92
CA ASP A 287 -26.93 -0.80 -0.52
C ASP A 287 -26.86 -2.28 -0.14
N GLY A 288 -26.83 -2.54 1.15
CA GLY A 288 -26.67 -3.90 1.63
C GLY A 288 -27.41 -4.16 2.93
N PRO A 289 -27.36 -5.40 3.40
CA PRO A 289 -28.17 -5.80 4.57
C PRO A 289 -27.62 -5.36 5.91
N LEU A 290 -26.47 -4.68 5.96
CA LEU A 290 -25.89 -4.28 7.23
C LEU A 290 -26.34 -2.88 7.61
N GLN A 291 -25.95 -2.45 8.81
CA GLN A 291 -26.27 -1.11 9.28
C GLN A 291 -24.99 -0.28 9.40
N VAL A 292 -24.22 -0.23 8.31
CA VAL A 292 -22.93 0.44 8.32
C VAL A 292 -22.93 1.58 7.31
N ARG A 293 -22.01 2.51 7.51
CA ARG A 293 -21.90 3.67 6.64
C ARG A 293 -21.44 3.24 5.25
N ILE A 294 -22.02 3.86 4.23
CA ILE A 294 -21.54 3.75 2.86
C ILE A 294 -21.04 5.13 2.45
N TRP A 295 -20.02 5.16 1.59
CA TRP A 295 -19.49 6.44 1.14
C TRP A 295 -20.60 7.29 0.54
N ASN A 296 -20.77 8.50 1.07
CA ASN A 296 -21.86 9.37 0.65
C ASN A 296 -21.58 10.82 1.01
N PRO A 297 -21.10 11.63 0.07
CA PRO A 297 -20.75 13.02 0.42
C PRO A 297 -21.96 13.86 0.80
N LYS A 298 -23.17 13.45 0.41
CA LYS A 298 -24.37 14.23 0.73
C LYS A 298 -24.86 14.00 2.15
N LEU A 299 -24.39 12.95 2.82
CA LEU A 299 -24.74 12.71 4.21
C LEU A 299 -23.59 12.93 5.18
N TYR A 300 -22.35 12.66 4.76
CA TYR A 300 -21.21 12.65 5.66
C TYR A 300 -20.19 13.71 5.25
N PRO A 301 -19.96 14.73 6.07
CA PRO A 301 -18.99 15.78 5.69
C PRO A 301 -17.60 15.24 5.40
N SER A 302 -17.17 14.17 6.06
CA SER A 302 -15.85 13.63 5.78
C SER A 302 -15.76 13.06 4.37
N ASP A 303 -16.85 12.49 3.85
CA ASP A 303 -16.85 12.02 2.48
C ASP A 303 -16.87 13.17 1.49
N LYS A 304 -17.49 14.30 1.87
CA LYS A 304 -17.51 15.48 1.01
C LYS A 304 -16.12 16.11 0.89
N ALA A 305 -15.29 15.97 1.93
CA ALA A 305 -13.96 16.54 1.92
C ALA A 305 -12.95 15.74 1.10
N HIS A 306 -13.30 14.53 0.67
CA HIS A 306 -12.38 13.73 -0.14
C HIS A 306 -12.11 14.46 -1.46
N ARG A 307 -10.83 14.58 -1.81
CA ARG A 307 -10.42 15.44 -2.91
C ARG A 307 -10.39 14.71 -4.25
N MET A 308 -9.92 13.46 -4.28
CA MET A 308 -9.88 12.64 -5.50
C MET A 308 -10.45 11.27 -5.16
N PRO A 309 -11.76 11.19 -4.91
CA PRO A 309 -12.34 9.96 -4.34
C PRO A 309 -12.33 8.81 -5.35
N ILE A 310 -11.66 7.72 -4.96
CA ILE A 310 -11.69 6.46 -5.70
C ILE A 310 -12.42 5.46 -4.82
N ILE A 311 -13.61 5.05 -5.24
CA ILE A 311 -14.55 4.32 -4.39
C ILE A 311 -14.49 2.84 -4.71
N THR A 312 -14.39 2.01 -3.68
CA THR A 312 -14.33 0.57 -3.88
C THR A 312 -15.69 0.05 -4.30
N PRO A 313 -15.74 -0.93 -5.21
CA PRO A 313 -17.05 -1.37 -5.75
C PRO A 313 -17.80 -2.34 -4.86
N ALA A 314 -17.14 -3.06 -3.96
CA ALA A 314 -17.83 -4.03 -3.13
C ALA A 314 -18.57 -3.34 -1.98
N TYR A 315 -19.80 -3.79 -1.74
CA TYR A 315 -20.52 -3.32 -0.57
C TYR A 315 -19.75 -3.74 0.68
N PRO A 316 -19.53 -2.84 1.65
CA PRO A 316 -19.93 -1.42 1.63
C PRO A 316 -18.86 -0.50 1.04
N SER A 317 -19.23 0.30 0.03
CA SER A 317 -18.27 1.13 -0.67
C SER A 317 -17.59 2.11 0.27
N MET A 318 -16.28 2.29 0.08
CA MET A 318 -15.50 3.24 0.84
C MET A 318 -14.52 3.94 -0.09
N CYS A 319 -14.02 5.09 0.35
CA CYS A 319 -13.02 5.81 -0.43
C CYS A 319 -11.64 5.26 -0.11
N ALA A 320 -10.92 4.83 -1.15
CA ALA A 320 -9.58 4.30 -0.98
C ALA A 320 -8.50 5.38 -0.92
N THR A 321 -8.85 6.66 -1.11
CA THR A 321 -7.87 7.74 -1.14
C THR A 321 -8.21 8.81 -0.10
N HIS A 322 -8.67 8.39 1.07
CA HIS A 322 -9.00 9.32 2.16
C HIS A 322 -7.86 10.29 2.43
N ASN A 323 -6.61 9.82 2.35
CA ASN A 323 -5.47 10.56 2.86
C ASN A 323 -4.98 11.66 1.93
N ILE A 324 -5.51 11.78 0.71
CA ILE A 324 -4.99 12.76 -0.24
C ILE A 324 -5.20 14.18 0.31
N THR A 325 -4.15 14.98 0.26
CA THR A 325 -4.16 16.39 0.67
C THR A 325 -4.13 17.28 -0.57
N LEU A 326 -4.31 18.58 -0.34
CA LEU A 326 -4.13 19.54 -1.42
C LEU A 326 -2.76 19.39 -2.07
N SER A 327 -1.72 19.22 -1.24
CA SER A 327 -0.36 19.09 -1.76
C SER A 327 -0.20 17.83 -2.62
N THR A 328 -0.62 16.68 -2.09
CA THR A 328 -0.42 15.46 -2.87
C THR A 328 -1.35 15.39 -4.07
N GLN A 329 -2.55 15.97 -3.95
CA GLN A 329 -3.41 16.12 -5.13
C GLN A 329 -2.69 16.90 -6.23
N THR A 330 -2.08 18.02 -5.86
CA THR A 330 -1.38 18.85 -6.85
C THR A 330 -0.22 18.08 -7.48
N ILE A 331 0.55 17.36 -6.66
CA ILE A 331 1.68 16.58 -7.20
C ILE A 331 1.17 15.51 -8.15
N ILE A 332 0.13 14.77 -7.74
CA ILE A 332 -0.44 13.73 -8.59
C ILE A 332 -0.87 14.32 -9.94
N LEU A 333 -1.62 15.42 -9.91
CA LEU A 333 -2.08 16.02 -11.16
C LEU A 333 -0.92 16.47 -12.03
N ARG A 334 0.08 17.14 -11.44
CA ARG A 334 1.23 17.57 -12.22
C ARG A 334 1.98 16.38 -12.83
N GLU A 335 2.10 15.29 -12.05
CA GLU A 335 2.75 14.10 -12.58
C GLU A 335 1.96 13.52 -13.75
N MET A 336 0.63 13.54 -13.67
CA MET A 336 -0.18 13.05 -14.77
C MET A 336 -0.05 13.94 -16.00
N VAL A 337 -0.03 15.26 -15.82
CA VAL A 337 0.18 16.15 -16.96
C VAL A 337 1.50 15.82 -17.64
N ARG A 338 2.57 15.69 -16.85
CA ARG A 338 3.88 15.38 -17.41
C ARG A 338 3.86 14.05 -18.16
N ALA A 339 3.25 13.01 -17.56
CA ALA A 339 3.23 11.71 -18.20
C ALA A 339 2.38 11.71 -19.46
N GLY A 340 1.31 12.50 -19.49
CA GLY A 340 0.48 12.56 -20.68
C GLY A 340 1.23 13.12 -21.88
N GLU A 341 2.09 14.11 -21.64
CA GLU A 341 2.87 14.68 -22.73
C GLU A 341 3.95 13.72 -23.20
N ILE A 342 4.52 12.93 -22.29
CA ILE A 342 5.48 11.90 -22.69
C ILE A 342 4.77 10.82 -23.51
N ALA A 343 3.60 10.38 -23.05
CA ALA A 343 2.86 9.34 -23.76
C ALA A 343 2.44 9.80 -25.15
N ASP A 344 2.13 11.08 -25.30
CA ASP A 344 1.80 11.60 -26.63
C ASP A 344 2.96 11.38 -27.59
N GLN A 345 4.18 11.63 -27.14
CA GLN A 345 5.35 11.44 -27.99
CA GLN A 345 5.35 11.44 -27.99
C GLN A 345 5.63 9.96 -28.22
N ILE A 346 5.41 9.13 -27.20
CA ILE A 346 5.62 7.69 -27.37
C ILE A 346 4.74 7.13 -28.47
N MET A 347 3.47 7.55 -28.49
CA MET A 347 2.51 6.96 -29.43
C MET A 347 2.69 7.45 -30.87
N VAL A 348 3.50 8.48 -31.12
CA VAL A 348 3.93 8.81 -32.48
C VAL A 348 5.37 8.38 -32.72
N LYS A 349 5.93 7.54 -31.85
CA LYS A 349 7.26 6.96 -32.01
C LYS A 349 8.37 7.98 -31.92
N ALA A 350 8.14 9.11 -31.25
CA ALA A 350 9.19 10.10 -31.03
C ALA A 350 10.01 9.82 -29.79
N LEU A 351 9.51 9.03 -28.85
CA LEU A 351 10.23 8.64 -27.65
C LEU A 351 10.01 7.16 -27.40
N PRO A 352 10.97 6.48 -26.79
CA PRO A 352 10.75 5.08 -26.37
C PRO A 352 9.91 5.02 -25.10
N TRP A 353 9.32 3.85 -24.88
CA TRP A 353 8.52 3.65 -23.66
C TRP A 353 9.33 3.92 -22.41
N SER A 354 10.64 3.70 -22.44
CA SER A 354 11.47 3.90 -21.25
C SER A 354 11.39 5.35 -20.76
N ALA A 355 11.09 6.29 -21.66
CA ALA A 355 10.99 7.69 -21.25
C ALA A 355 9.88 7.91 -20.24
N LEU A 356 8.81 7.11 -20.31
CA LEU A 356 7.72 7.23 -19.35
C LEU A 356 8.13 6.81 -17.94
N PHE A 357 9.15 5.96 -17.81
CA PHE A 357 9.51 5.39 -16.52
C PHE A 357 10.73 6.02 -15.89
N GLN A 358 11.16 7.19 -16.39
CA GLN A 358 12.26 7.91 -15.76
C GLN A 358 11.93 8.23 -14.31
N LYS A 359 12.92 8.03 -13.43
CA LYS A 359 12.69 8.20 -11.99
C LYS A 359 12.50 9.66 -11.62
N HIS A 360 11.82 9.87 -10.50
CA HIS A 360 11.65 11.17 -9.89
C HIS A 360 13.01 11.84 -9.64
N ASP A 361 12.97 13.15 -9.42
CA ASP A 361 14.12 13.90 -8.96
C ASP A 361 13.80 14.64 -7.67
N PHE A 362 13.12 13.95 -6.74
CA PHE A 362 12.62 14.60 -5.54
C PHE A 362 13.72 15.33 -4.77
N PHE A 363 14.88 14.68 -4.62
CA PHE A 363 15.96 15.25 -3.82
C PHE A 363 16.87 16.16 -4.63
N HIS A 364 16.51 16.47 -5.87
CA HIS A 364 17.19 17.48 -6.66
C HIS A 364 16.36 18.73 -6.88
N ARG A 365 15.04 18.67 -6.71
CA ARG A 365 14.16 19.70 -7.26
C ARG A 365 13.76 20.78 -6.27
N TYR A 366 13.89 20.57 -4.97
CA TYR A 366 13.51 21.56 -3.99
C TYR A 366 14.74 22.22 -3.37
N LYS A 367 14.59 23.50 -3.01
CA LYS A 367 15.64 24.20 -2.29
C LYS A 367 15.59 23.93 -0.80
N HIS A 368 14.39 23.75 -0.25
CA HIS A 368 14.20 23.61 1.19
C HIS A 368 13.39 22.35 1.48
N TYR A 369 13.87 21.55 2.42
CA TYR A 369 13.19 20.35 2.86
C TYR A 369 12.93 20.42 4.36
N LEU A 370 11.95 19.66 4.80
CA LEU A 370 11.79 19.34 6.22
C LEU A 370 12.22 17.91 6.45
N THR A 371 13.03 17.70 7.49
CA THR A 371 13.36 16.36 7.96
C THR A 371 12.52 16.09 9.20
N ILE A 372 11.77 14.98 9.18
CA ILE A 372 10.98 14.53 10.31
C ILE A 372 11.58 13.20 10.78
N THR A 373 12.18 13.20 11.95
CA THR A 373 12.92 12.04 12.45
C THR A 373 12.25 11.46 13.67
N ALA A 374 11.97 10.15 13.61
CA ALA A 374 11.57 9.37 14.77
C ALA A 374 12.77 8.61 15.30
N ALA A 375 12.96 8.62 16.61
CA ALA A 375 14.11 8.00 17.23
C ALA A 375 13.68 7.17 18.44
N ALA A 376 14.40 6.08 18.68
CA ALA A 376 14.09 5.22 19.82
C ALA A 376 15.35 4.49 20.24
N LYS A 377 15.33 3.96 21.47
CA LYS A 377 16.47 3.29 22.06
C LYS A 377 16.55 1.79 21.75
N THR A 378 15.47 1.19 21.24
CA THR A 378 15.52 -0.19 20.76
C THR A 378 14.97 -0.24 19.35
N ALA A 379 15.47 -1.22 18.58
CA ALA A 379 14.97 -1.38 17.22
C ALA A 379 13.51 -1.80 17.22
N GLU A 380 13.12 -2.61 18.20
CA GLU A 380 11.74 -3.09 18.27
CA GLU A 380 11.74 -3.09 18.27
C GLU A 380 10.78 -1.93 18.53
N ALA A 381 11.15 -1.01 19.43
CA ALA A 381 10.31 0.14 19.70
C ALA A 381 10.30 1.10 18.50
N GLN A 382 11.43 1.20 17.80
CA GLN A 382 11.53 2.13 16.67
C GLN A 382 10.59 1.74 15.54
N LEU A 383 10.42 0.44 15.29
CA LEU A 383 9.57 0.01 14.18
C LEU A 383 8.14 0.53 14.35
N LYS A 384 7.57 0.35 15.55
CA LYS A 384 6.21 0.82 15.78
C LYS A 384 6.14 2.33 15.83
N TRP A 385 7.12 2.96 16.48
CA TRP A 385 7.10 4.41 16.65
C TRP A 385 7.31 5.12 15.31
N ALA A 386 8.27 4.66 14.50
CA ALA A 386 8.45 5.24 13.17
C ALA A 386 7.17 5.11 12.34
N GLY A 387 6.51 3.95 12.40
CA GLY A 387 5.25 3.79 11.70
C GLY A 387 4.21 4.81 12.16
N LEU A 388 4.10 5.02 13.47
CA LEU A 388 3.15 6.00 13.98
C LEU A 388 3.47 7.39 13.45
N VAL A 389 4.72 7.83 13.60
CA VAL A 389 5.09 9.18 13.17
C VAL A 389 4.84 9.34 11.67
N GLU A 390 5.21 8.33 10.87
CA GLU A 390 4.95 8.38 9.44
C GLU A 390 3.46 8.55 9.15
N SER A 391 2.61 7.87 9.92
CA SER A 391 1.17 7.92 9.69
C SER A 391 0.55 9.27 10.02
N LYS A 392 1.28 10.15 10.69
CA LYS A 392 0.78 11.47 11.03
C LYS A 392 1.29 12.55 10.09
N LEU A 393 2.18 12.20 9.16
CA LEU A 393 2.79 13.20 8.29
C LEU A 393 1.74 13.96 7.50
N ARG A 394 0.67 13.29 7.06
CA ARG A 394 -0.33 13.97 6.24
C ARG A 394 -1.01 15.10 7.00
N HIS A 395 -1.04 15.01 8.34
CA HIS A 395 -1.60 16.10 9.13
C HIS A 395 -0.62 17.27 9.20
N LEU A 396 0.68 16.98 9.26
CA LEU A 396 1.68 18.04 9.14
C LEU A 396 1.63 18.69 7.78
N VAL A 397 1.46 17.90 6.72
CA VAL A 397 1.37 18.46 5.36
C VAL A 397 0.24 19.46 5.28
N THR A 398 -0.91 19.13 5.87
CA THR A 398 -2.06 20.03 5.80
C THR A 398 -1.80 21.32 6.56
N ARG A 399 -1.21 21.24 7.75
CA ARG A 399 -0.94 22.45 8.51
C ARG A 399 0.14 23.31 7.85
N LEU A 400 1.10 22.67 7.18
CA LEU A 400 2.13 23.44 6.49
C LEU A 400 1.55 24.24 5.34
N GLU A 401 0.56 23.67 4.62
CA GLU A 401 -0.07 24.41 3.54
C GLU A 401 -0.66 25.73 4.03
N LEU A 402 -1.21 25.74 5.24
CA LEU A 402 -1.85 26.92 5.78
C LEU A 402 -0.87 28.01 6.21
N VAL A 403 0.41 27.68 6.34
CA VAL A 403 1.41 28.72 6.55
C VAL A 403 1.48 29.60 5.31
N ASP A 404 1.28 30.91 5.50
CA ASP A 404 1.16 31.81 4.36
C ASP A 404 2.32 31.71 3.39
N ALA A 405 3.53 31.44 3.89
CA ALA A 405 4.71 31.42 3.04
C ALA A 405 4.87 30.12 2.27
N ILE A 406 4.16 29.06 2.66
CA ILE A 406 4.32 27.75 2.05
C ILE A 406 3.16 27.52 1.08
N ALA A 407 3.49 27.26 -0.19
CA ALA A 407 2.46 26.95 -1.16
C ALA A 407 2.12 25.47 -1.16
N LEU A 408 3.11 24.60 -1.00
CA LEU A 408 2.91 23.17 -1.14
C LEU A 408 3.95 22.45 -0.29
N ALA A 409 3.52 21.35 0.33
CA ALA A 409 4.39 20.52 1.18
C ALA A 409 4.34 19.10 0.62
N HIS A 410 5.41 18.70 -0.07
CA HIS A 410 5.44 17.47 -0.84
C HIS A 410 6.12 16.37 -0.04
N PRO A 411 5.41 15.36 0.44
CA PRO A 411 6.05 14.28 1.20
C PRO A 411 6.66 13.24 0.27
N PHE A 412 7.90 12.85 0.56
CA PHE A 412 8.46 11.67 -0.09
C PHE A 412 7.74 10.44 0.42
N ASN A 413 7.95 9.30 -0.25
CA ASN A 413 7.10 8.14 0.02
C ASN A 413 7.81 7.02 0.78
N LYS A 414 8.96 7.29 1.40
CA LYS A 414 9.58 6.29 2.26
CA LYS A 414 9.58 6.29 2.26
C LYS A 414 10.58 6.96 3.18
N GLY A 415 10.83 6.33 4.32
CA GLY A 415 11.77 6.81 5.30
C GLY A 415 13.14 6.17 5.18
N PHE A 416 14.12 6.77 5.85
CA PHE A 416 15.50 6.34 5.79
C PHE A 416 15.97 6.00 7.20
N ASP A 417 16.48 4.77 7.38
CA ASP A 417 16.90 4.28 8.68
C ASP A 417 18.39 4.56 8.93
N LYS A 418 18.70 5.00 10.14
CA LYS A 418 20.07 5.15 10.60
C LYS A 418 20.21 4.52 11.98
N VAL A 419 21.44 4.11 12.30
CA VAL A 419 21.79 3.69 13.66
C VAL A 419 23.02 4.47 14.09
N TYR A 420 22.95 5.08 15.26
CA TYR A 420 24.03 5.83 15.87
C TYR A 420 24.59 5.01 17.04
N ASN A 421 25.89 4.75 17.01
CA ASN A 421 26.54 4.03 18.11
C ASN A 421 27.23 5.07 19.00
N CYS A 422 26.41 5.71 19.83
CA CYS A 422 26.90 6.79 20.69
C CYS A 422 27.80 6.24 21.78
N SER A 423 28.63 7.13 22.34
CA SER A 423 29.62 6.74 23.32
C SER A 423 29.15 6.89 24.76
N SER A 424 28.04 7.58 24.99
CA SER A 424 27.53 7.79 26.33
C SER A 424 26.02 7.93 26.29
N GLU A 425 25.40 7.79 27.47
CA GLU A 425 23.96 7.97 27.58
C GLU A 425 23.55 9.42 27.30
N GLU A 426 24.40 10.38 27.63
CA GLU A 426 24.09 11.78 27.34
C GLU A 426 24.12 12.03 25.84
N GLU A 427 25.11 11.49 25.14
CA GLU A 427 25.19 11.68 23.71
C GLU A 427 24.00 11.04 23.00
N ALA A 428 23.62 9.84 23.42
CA ALA A 428 22.46 9.18 22.85
C ALA A 428 21.19 9.99 23.07
N GLN A 429 21.06 10.58 24.27
CA GLN A 429 19.90 11.42 24.54
C GLN A 429 19.87 12.64 23.62
N GLN A 430 21.03 13.24 23.37
CA GLN A 430 21.09 14.41 22.50
C GLN A 430 20.84 14.06 21.04
N VAL A 431 21.29 12.88 20.60
CA VAL A 431 20.98 12.44 19.24
C VAL A 431 19.49 12.21 19.08
N ALA A 432 18.87 11.51 20.04
CA ALA A 432 17.46 11.17 19.94
C ALA A 432 16.57 12.41 19.97
N SER A 433 16.99 13.46 20.66
CA SER A 433 16.19 14.66 20.78
C SER A 433 16.40 15.63 19.62
N GLY A 434 17.33 15.34 18.72
CA GLY A 434 17.57 16.20 17.58
C GLY A 434 18.81 17.07 17.68
N VAL A 435 19.60 16.92 18.73
CA VAL A 435 20.91 17.58 18.76
C VAL A 435 21.93 16.63 18.16
N THR A 436 21.60 16.08 16.99
CA THR A 436 22.55 15.28 16.21
C THR A 436 23.52 16.25 15.56
N LEU A 437 24.70 16.40 16.15
CA LEU A 437 25.70 17.28 15.57
C LEU A 437 26.58 16.49 14.61
N GLU A 438 27.76 16.09 15.05
CA GLU A 438 28.70 15.36 14.21
C GLU A 438 28.68 13.85 14.49
N VAL A 439 27.76 13.39 15.33
CA VAL A 439 27.79 11.98 15.74
C VAL A 439 27.65 11.09 14.52
N ALA A 440 28.57 10.14 14.40
CA ALA A 440 28.58 9.27 13.23
C ALA A 440 27.43 8.27 13.28
N TYR A 441 26.97 7.86 12.10
CA TYR A 441 25.91 6.88 11.98
C TYR A 441 26.15 6.00 10.78
N GLU A 442 25.40 4.91 10.71
CA GLU A 442 25.39 4.00 9.57
C GLU A 442 23.98 3.89 9.04
N SER A 443 23.84 3.91 7.72
CA SER A 443 22.56 3.58 7.11
C SER A 443 22.26 2.10 7.36
N THR A 444 21.00 1.80 7.68
CA THR A 444 20.66 0.45 8.08
C THR A 444 19.22 0.17 7.67
N ASP A 445 18.67 -0.92 8.21
CA ASP A 445 17.29 -1.35 7.98
C ASP A 445 16.83 -1.97 9.30
N HIS A 446 16.04 -1.21 10.07
CA HIS A 446 15.66 -1.68 11.40
C HIS A 446 14.81 -2.93 11.32
N GLU A 447 13.92 -3.02 10.33
CA GLU A 447 13.07 -4.20 10.18
C GLU A 447 13.92 -5.46 10.02
N LYS A 448 14.93 -5.40 9.16
CA LYS A 448 15.81 -6.55 8.98
C LYS A 448 16.60 -6.85 10.24
N LEU A 449 17.03 -5.80 10.96
CA LEU A 449 17.78 -6.00 12.20
C LEU A 449 16.93 -6.73 13.24
N ALA A 450 15.69 -6.26 13.44
CA ALA A 450 14.82 -6.88 14.43
C ALA A 450 14.50 -8.32 14.05
N ASN A 451 14.24 -8.57 12.77
CA ASN A 451 13.94 -9.93 12.33
C ASN A 451 15.15 -10.84 12.48
N ASP A 452 16.35 -10.34 12.16
CA ASP A 452 17.56 -11.11 12.37
C ASP A 452 17.75 -11.46 13.84
N THR A 453 17.48 -10.50 14.73
CA THR A 453 17.63 -10.75 16.16
C THR A 453 16.72 -11.89 16.61
N VAL A 454 15.51 -11.96 16.06
CA VAL A 454 14.59 -13.04 16.42
C VAL A 454 15.12 -14.37 15.92
N ASN A 455 15.53 -14.43 14.64
CA ASN A 455 16.05 -15.66 14.06
C ASN A 455 17.37 -16.11 14.70
N GLU A 456 17.95 -15.31 15.58
CA GLU A 456 19.23 -15.67 16.21
C GLU A 456 19.08 -16.91 17.08
N GLN A 475 31.57 0.58 25.93
CA GLN A 475 30.14 0.76 26.08
C GLN A 475 29.56 1.59 24.94
N ILE A 476 28.66 0.98 24.18
CA ILE A 476 27.97 1.64 23.07
C ILE A 476 26.51 1.83 23.46
N PHE A 477 25.95 2.98 23.07
CA PHE A 477 24.56 3.33 23.36
C PHE A 477 23.87 3.64 22.04
N PRO A 478 23.28 2.64 21.39
CA PRO A 478 22.72 2.84 20.05
C PRO A 478 21.41 3.63 20.08
N VAL A 479 21.25 4.47 19.06
CA VAL A 479 20.01 5.19 18.81
C VAL A 479 19.55 4.81 17.40
N TYR A 480 18.32 4.32 17.29
CA TYR A 480 17.74 3.93 16.00
C TYR A 480 16.81 5.03 15.52
N THR A 481 17.06 5.55 14.33
CA THR A 481 16.23 6.64 13.81
C THR A 481 15.72 6.30 12.42
N THR A 482 14.58 6.92 12.09
CA THR A 482 13.96 6.84 10.77
C THR A 482 13.54 8.26 10.40
N THR A 483 13.98 8.72 9.23
CA THR A 483 13.75 10.10 8.81
C THR A 483 12.87 10.12 7.57
N CYS A 484 11.83 10.95 7.59
CA CYS A 484 11.01 11.24 6.42
C CYS A 484 11.28 12.67 5.97
N TYR A 485 11.02 12.93 4.70
CA TYR A 485 11.35 14.21 4.09
C TYR A 485 10.11 14.83 3.46
N ILE A 486 10.01 16.15 3.57
CA ILE A 486 8.96 16.93 2.93
C ILE A 486 9.64 18.04 2.13
N GLY A 487 9.35 18.09 0.82
CA GLY A 487 9.83 19.18 0.00
C GLY A 487 8.88 20.35 0.06
N LEU A 488 9.44 21.55 0.20
CA LEU A 488 8.67 22.77 0.42
C LEU A 488 8.69 23.63 -0.85
N GLU A 489 7.51 23.89 -1.38
CA GLU A 489 7.32 24.85 -2.47
C GLU A 489 6.83 26.15 -1.83
N LEU A 490 7.65 27.18 -1.88
CA LEU A 490 7.34 28.43 -1.20
C LEU A 490 6.55 29.37 -2.11
N GLU A 491 5.75 30.24 -1.48
CA GLU A 491 4.98 31.22 -2.22
C GLU A 491 5.90 32.15 -3.01
N LYS A 492 5.32 32.82 -4.02
CA LYS A 492 6.08 33.55 -5.02
C LYS A 492 7.10 34.50 -4.42
N LYS A 493 6.64 35.53 -3.71
CA LYS A 493 7.55 36.49 -3.10
C LYS A 493 8.02 36.01 -1.73
N ARG A 500 13.52 33.86 6.92
CA ARG A 500 13.39 32.57 7.60
C ARG A 500 11.93 32.18 7.77
N LEU A 501 11.66 30.88 7.66
CA LEU A 501 10.31 30.35 7.64
C LEU A 501 9.79 30.11 9.06
N ASP A 502 8.52 30.40 9.29
CA ASP A 502 7.91 30.26 10.62
C ASP A 502 7.01 29.02 10.63
N ILE A 503 7.51 27.95 11.23
CA ILE A 503 6.74 26.71 11.34
C ILE A 503 6.67 26.29 12.81
N SER A 504 6.65 27.27 13.71
CA SER A 504 6.64 26.97 15.14
C SER A 504 5.39 26.20 15.53
N TRP A 505 4.21 26.72 15.17
CA TRP A 505 2.97 26.03 15.52
C TRP A 505 2.84 24.69 14.81
N PRO A 506 3.06 24.59 13.50
CA PRO A 506 3.03 23.27 12.85
C PRO A 506 3.93 22.26 13.56
N THR A 507 5.12 22.66 13.96
CA THR A 507 6.04 21.74 14.64
C THR A 507 5.49 21.34 16.00
N GLN A 508 5.07 22.32 16.81
CA GLN A 508 4.51 22.02 18.12
C GLN A 508 3.29 21.11 18.00
N GLU A 509 2.37 21.45 17.11
CA GLU A 509 1.18 20.63 16.91
C GLU A 509 1.56 19.19 16.56
N PHE A 510 2.56 19.02 15.71
CA PHE A 510 2.92 17.68 15.26
C PHE A 510 3.51 16.85 16.40
N TYR A 511 4.43 17.43 17.17
CA TYR A 511 4.98 16.74 18.33
C TYR A 511 3.86 16.28 19.26
N GLU A 512 2.90 17.15 19.54
CA GLU A 512 1.83 16.79 20.47
C GLU A 512 0.95 15.70 19.90
N LEU A 513 0.70 15.73 18.58
CA LEU A 513 -0.12 14.69 17.97
C LEU A 513 0.55 13.32 18.06
N CYS A 514 1.84 13.25 17.75
CA CYS A 514 2.56 11.98 17.85
C CYS A 514 2.58 11.48 19.28
N LYS A 515 2.90 12.37 20.23
CA LYS A 515 3.02 11.97 21.63
C LYS A 515 1.68 11.63 22.27
N LYS A 516 0.56 11.80 21.56
CA LYS A 516 -0.73 11.33 22.04
C LYS A 516 -0.96 9.86 21.75
N TRP A 517 -0.09 9.22 20.97
CA TRP A 517 -0.19 7.79 20.73
C TRP A 517 -0.29 7.02 22.05
N ASP A 518 -1.23 6.08 22.11
CA ASP A 518 -1.41 5.30 23.33
C ASP A 518 -0.21 4.40 23.64
N LYS A 519 0.70 4.23 22.68
CA LYS A 519 1.92 3.46 22.91
C LYS A 519 3.16 4.34 23.02
N TYR A 520 3.00 5.66 23.02
CA TYR A 520 4.15 6.55 23.16
C TYR A 520 4.81 6.34 24.53
N ASP A 521 6.11 6.07 24.51
CA ASP A 521 6.87 5.74 25.72
C ASP A 521 7.97 6.78 25.88
N ASP A 522 7.79 7.71 26.83
CA ASP A 522 8.72 8.84 26.94
C ASP A 522 10.09 8.45 27.47
N THR A 523 10.30 7.19 27.87
CA THR A 523 11.64 6.73 28.19
C THR A 523 12.35 6.08 27.01
N LEU A 524 11.69 5.98 25.85
CA LEU A 524 12.23 5.19 24.75
C LEU A 524 12.20 5.95 23.42
N MET A 525 11.23 6.85 23.26
CA MET A 525 10.91 7.42 21.96
C MET A 525 11.01 8.93 21.96
N ASN A 526 11.39 9.48 20.81
CA ASN A 526 11.38 10.93 20.61
C ASN A 526 11.20 11.24 19.13
N VAL A 527 10.88 12.49 18.84
CA VAL A 527 10.62 12.94 17.48
C VAL A 527 11.10 14.39 17.37
N PHE A 528 11.64 14.76 16.21
CA PHE A 528 12.06 16.13 16.01
C PHE A 528 12.02 16.50 14.54
N ILE A 529 11.75 17.77 14.27
CA ILE A 529 11.70 18.32 12.91
C ILE A 529 12.81 19.33 12.73
N LYS A 530 13.42 19.35 11.55
CA LYS A 530 14.48 20.30 11.24
C LYS A 530 14.31 20.81 9.81
N ASN A 531 14.74 22.05 9.60
CA ASN A 531 14.89 22.59 8.25
C ASN A 531 16.18 22.10 7.64
N THR A 532 16.14 21.76 6.35
CA THR A 532 17.30 21.22 5.67
C THR A 532 17.38 21.81 4.26
N LYS A 533 18.46 22.53 3.98
CA LYS A 533 18.73 23.01 2.63
C LYS A 533 19.11 21.85 1.72
N ASN A 534 18.84 22.01 0.42
CA ASN A 534 19.20 20.97 -0.54
CA ASN A 534 19.18 20.94 -0.52
C ASN A 534 20.65 20.55 -0.39
N THR A 535 21.54 21.54 -0.20
CA THR A 535 22.97 21.24 -0.07
C THR A 535 23.29 20.52 1.24
N ALA A 536 22.38 20.51 2.20
CA ALA A 536 22.59 19.80 3.46
C ALA A 536 21.95 18.43 3.49
N LEU A 537 21.31 18.00 2.40
CA LEU A 537 20.75 16.66 2.36
C LEU A 537 21.85 15.63 2.58
N PRO A 538 21.63 14.62 3.42
CA PRO A 538 22.65 13.58 3.62
C PRO A 538 22.77 12.68 2.41
N ASP A 539 23.90 11.99 2.33
CA ASP A 539 24.15 11.10 1.20
C ASP A 539 23.08 10.00 1.09
N GLU A 540 22.43 9.67 2.21
CA GLU A 540 21.48 8.55 2.24
C GLU A 540 20.38 8.67 1.20
N VAL A 541 19.96 9.90 0.85
CA VAL A 541 18.78 10.09 0.00
C VAL A 541 19.09 9.93 -1.48
N PHE A 542 20.35 9.74 -1.84
CA PHE A 542 20.75 9.48 -3.22
C PHE A 542 21.19 8.03 -3.33
N GLU A 543 20.57 7.30 -4.24
CA GLU A 543 20.78 5.86 -4.31
CA GLU A 543 20.77 5.86 -4.33
C GLU A 543 22.19 5.54 -4.79
N PRO A 544 22.64 4.30 -4.60
CA PRO A 544 24.01 3.94 -5.01
C PRO A 544 24.29 4.30 -6.46
N GLY A 545 25.40 5.01 -6.67
CA GLY A 545 25.77 5.44 -8.00
C GLY A 545 25.03 6.67 -8.51
N GLU A 546 24.10 7.22 -7.75
CA GLU A 546 23.42 8.45 -8.15
C GLU A 546 24.26 9.65 -7.76
N GLU A 547 24.50 10.53 -8.73
CA GLU A 547 25.28 11.74 -8.46
C GLU A 547 24.45 12.75 -7.70
N ARG A 548 25.08 13.45 -6.77
CA ARG A 548 24.41 14.51 -6.04
C ARG A 548 24.22 15.72 -6.95
N PRO A 549 23.32 16.63 -6.58
CA PRO A 549 23.11 17.84 -7.39
C PRO A 549 24.42 18.62 -7.52
N LYS A 550 24.69 19.10 -8.74
CA LYS A 550 25.95 19.80 -9.00
C LYS A 550 25.72 21.30 -9.09
C1 GOL B . -17.74 7.04 -12.24
O1 GOL B . -16.45 7.55 -12.11
C2 GOL B . -18.61 8.18 -12.87
O2 GOL B . -18.42 8.29 -14.24
C3 GOL B . -20.08 7.82 -12.51
O3 GOL B . -20.66 8.95 -11.94
H11 GOL B . -17.78 6.25 -12.81
H12 GOL B . -18.11 6.78 -11.39
HO1 GOL B . -15.93 6.89 -12.15
H2 GOL B . -18.37 9.04 -12.49
HO2 GOL B . -18.86 7.67 -14.63
H31 GOL B . -20.54 7.51 -13.31
H32 GOL B . -20.10 7.05 -11.90
HO3 GOL B . -21.45 8.74 -11.75
#